data_6VFK
#
_entry.id   6VFK
#
loop_
_entity.id
_entity.type
_entity.pdbx_description
1 polymer T33_dn10B
2 polymer BG505-SOSIP-T33_dn10A
#
loop_
_entity_poly.entity_id
_entity_poly.type
_entity_poly.pdbx_seq_one_letter_code
_entity_poly.pdbx_strand_id
1 'polypeptide(L)'
;MIEEVVAEMIDILAESSKKSIEELARAADNKTTEKAVAEAIEEIARLATAAIQLIEALAKNLASEEFMARAISAIAELAK
KAIEAIYRLADNHTTDTFMARAIAAIANLAVTAILAIAALASNHTTEEFMARAISAIAELAKKAIEAIYRLADNHTTDKF
MAAAIEAIALLATLAILAIALLASNHTTEKFMARAIMAIAILAAKAIEAIYRLADNHTSPTYIEKAIEAIEKIARKAIKA
IEMLAKNITTEEYKEKAKKIIDIIRKLAKMAIKKLEDNRTLEHHHHHH
;
B
2 'polypeptide(L)'
;MKRGLCCVLLLCGAVFVSPSQEIHARFRRGARAENLWVTVYYGVPVWKDAETTLFCASDAKAYETKKHNVWATHCCVPTD
PNPQEIHLENVTEEFNMWKNNMVEQMHTDIISLWDQSLKPCVKLTPLCVTLQCTNVTNNITDDMRGELKNCSFNMTTELR
DKKQKVYSLFYRLDVVQINENQGNRSNNSNKEYRLINCNTSAITQACPKVSFEPIPIHYCAPAGFAILKCKDKKFNGTGP
CTNVSTVQCTHGIKPVVSTQLLLNGSLAEEEVIIRSENITNNAKNILVQLNESVQINCTRPNNNTVKSIRIGPGQWFYYT
GDIIGDIRQAHCNVSKATWNETLGKVVKQLRKHFGNNTIIRFANSSGGDLEVTTHSFNCGGEFFYCNTSGLFNSTWISNT
SVQGSNSTGSNDSITLPCRIKQIINMWQRIGQAMYAPPIQGVIRCVSNITGLILTRDGGSTNSTTETFRPGGGDMRDNWR
SELYKYKVVKIEPLGVAPTRCKRRVVGRRRRRRAVGIGAVSLGFLGAAGSTMGAASMTLTVQARNLLSGIVQQQSNLLRA
PECQQHLLKDTHWGIKQLQARVLAVEHYLRDQQLLGIWGCSGKLICCTNVPWNSSWSNRNLSEIWDNMTWLQWDKEISNY
TQIIYGLLEESQNQQEKNEQGSGSGSGSGGEEAELAYLLGELAYKLGEYRIAIRAYRIALKRDPNNAEAWYNLGNAYYKQ
GDYDEAIEYYQKALELDPNNAEAWYNLGNAYYKQGDYDEAIEYYEKALELDPENLEALQNLLNAMDKQG
;
A
#
# COMPACT_ATOMS: atom_id res chain seq x y z
N ILE A 2 -34.19 5.46 19.28
CA ILE A 2 -33.99 4.03 19.09
C ILE A 2 -32.67 3.68 18.46
N GLU A 3 -32.28 4.40 17.44
CA GLU A 3 -31.02 4.08 16.80
C GLU A 3 -29.89 4.20 17.80
N GLU A 4 -30.04 5.13 18.74
CA GLU A 4 -29.04 5.33 19.76
C GLU A 4 -28.94 4.09 20.61
N VAL A 5 -30.06 3.40 20.84
CA VAL A 5 -30.09 2.24 21.68
C VAL A 5 -29.30 1.15 21.01
N VAL A 6 -29.57 0.99 19.74
CA VAL A 6 -28.89 -0.05 19.03
C VAL A 6 -27.42 0.27 18.93
N ALA A 7 -27.11 1.50 18.59
CA ALA A 7 -25.74 1.93 18.46
C ALA A 7 -25.01 1.85 19.76
N GLU A 8 -25.70 2.10 20.85
CA GLU A 8 -25.07 2.04 22.14
C GLU A 8 -24.73 0.60 22.42
N MET A 9 -25.62 -0.33 22.08
CA MET A 9 -25.28 -1.71 22.34
C MET A 9 -24.02 -2.07 21.55
N ILE A 10 -23.91 -1.53 20.35
CA ILE A 10 -22.74 -1.78 19.52
C ILE A 10 -21.48 -1.21 20.14
N ASP A 11 -21.55 0.04 20.62
CA ASP A 11 -20.36 0.63 21.21
C ASP A 11 -19.93 -0.15 22.43
N ILE A 12 -20.90 -0.65 23.17
CA ILE A 12 -20.62 -1.40 24.36
C ILE A 12 -19.91 -2.69 24.04
N LEU A 13 -20.44 -3.41 23.06
CA LEU A 13 -19.82 -4.66 22.70
C LEU A 13 -18.46 -4.44 22.14
N ALA A 14 -18.30 -3.39 21.34
CA ALA A 14 -17.03 -3.13 20.75
C ALA A 14 -16.00 -2.79 21.78
N GLU A 15 -16.38 -2.01 22.79
CA GLU A 15 -15.38 -1.66 23.77
C GLU A 15 -14.96 -2.87 24.54
N SER A 16 -15.92 -3.73 24.86
CA SER A 16 -15.59 -4.90 25.62
C SER A 16 -14.63 -5.78 24.87
N SER A 17 -14.92 -6.01 23.61
CA SER A 17 -14.06 -6.86 22.83
C SER A 17 -12.70 -6.26 22.72
N LYS A 18 -12.63 -4.97 22.39
CA LYS A 18 -11.34 -4.36 22.21
C LYS A 18 -10.48 -4.58 23.43
N LYS A 19 -11.07 -4.36 24.60
CA LYS A 19 -10.33 -4.54 25.81
C LYS A 19 -9.90 -5.98 26.04
N SER A 20 -10.77 -6.94 25.75
CA SER A 20 -10.41 -8.34 25.93
C SER A 20 -9.26 -8.70 25.03
N ILE A 21 -9.23 -8.14 23.83
CA ILE A 21 -8.17 -8.43 22.89
C ILE A 21 -6.85 -7.94 23.45
N GLU A 22 -6.87 -6.73 23.99
CA GLU A 22 -5.67 -6.18 24.58
C GLU A 22 -5.18 -7.02 25.75
N GLU A 23 -6.12 -7.52 26.56
CA GLU A 23 -5.72 -8.32 27.70
C GLU A 23 -5.10 -9.63 27.24
N LEU A 24 -5.67 -10.25 26.21
CA LEU A 24 -5.10 -11.48 25.72
C LEU A 24 -3.72 -11.24 25.17
N ALA A 25 -3.54 -10.14 24.46
CA ALA A 25 -2.24 -9.86 23.91
C ALA A 25 -1.23 -9.66 25.01
N ARG A 26 -1.62 -8.96 26.07
CA ARG A 26 -0.67 -8.78 27.13
C ARG A 26 -0.33 -10.10 27.76
N ALA A 27 -1.33 -10.95 27.97
CA ALA A 27 -1.02 -12.21 28.60
C ALA A 27 -0.03 -13.00 27.79
N ALA A 28 -0.18 -12.99 26.48
CA ALA A 28 0.74 -13.72 25.63
C ALA A 28 2.17 -13.20 25.71
N ASP A 29 2.34 -11.89 25.90
CA ASP A 29 3.71 -11.35 26.05
C ASP A 29 4.23 -11.48 27.48
N ASN A 30 3.33 -11.49 28.46
CA ASN A 30 3.71 -11.63 29.85
C ASN A 30 4.17 -13.06 30.15
N LYS A 31 3.57 -14.00 29.43
CA LYS A 31 3.86 -15.42 29.53
C LYS A 31 5.10 -15.76 28.73
N THR A 32 5.68 -16.91 29.03
CA THR A 32 6.92 -17.33 28.39
C THR A 32 6.81 -18.48 27.40
N THR A 33 5.60 -18.92 27.04
CA THR A 33 5.51 -20.08 26.15
C THR A 33 4.89 -19.81 24.79
N GLU A 34 5.22 -20.69 23.84
CA GLU A 34 4.73 -20.62 22.47
C GLU A 34 3.24 -20.76 22.42
N LYS A 35 2.72 -21.55 23.34
CA LYS A 35 1.31 -21.77 23.46
C LYS A 35 0.60 -20.53 23.94
N ALA A 36 1.24 -19.68 24.75
CA ALA A 36 0.55 -18.51 25.23
C ALA A 36 0.22 -17.63 24.05
N VAL A 37 1.16 -17.61 23.12
CA VAL A 37 1.00 -16.87 21.91
C VAL A 37 -0.08 -17.51 21.06
N ALA A 38 -0.03 -18.83 20.89
CA ALA A 38 -1.06 -19.45 20.09
C ALA A 38 -2.44 -19.25 20.67
N GLU A 39 -2.57 -19.32 21.99
CA GLU A 39 -3.87 -19.19 22.58
C GLU A 39 -4.39 -17.80 22.41
N ALA A 40 -3.56 -16.77 22.61
CA ALA A 40 -4.05 -15.44 22.42
C ALA A 40 -4.38 -15.24 20.96
N ILE A 41 -3.60 -15.80 20.06
CA ILE A 41 -3.96 -15.54 18.69
C ILE A 41 -5.30 -16.14 18.35
N GLU A 42 -5.55 -17.37 18.79
CA GLU A 42 -6.81 -17.98 18.47
C GLU A 42 -7.97 -17.31 19.19
N GLU A 43 -7.76 -16.89 20.43
CA GLU A 43 -8.82 -16.24 21.18
C GLU A 43 -9.05 -14.84 20.69
N ILE A 44 -8.00 -14.14 20.30
CA ILE A 44 -8.22 -12.82 19.81
C ILE A 44 -9.02 -12.93 18.56
N ALA A 45 -8.62 -13.82 17.67
CA ALA A 45 -9.36 -13.94 16.45
C ALA A 45 -10.78 -14.41 16.70
N ARG A 46 -10.99 -15.33 17.62
CA ARG A 46 -12.32 -15.84 17.85
C ARG A 46 -13.21 -14.76 18.42
N LEU A 47 -12.70 -14.01 19.38
CA LEU A 47 -13.48 -12.99 20.00
C LEU A 47 -13.74 -11.87 19.07
N ALA A 48 -12.74 -11.50 18.28
CA ALA A 48 -12.95 -10.43 17.35
C ALA A 48 -13.99 -10.82 16.34
N THR A 49 -13.96 -12.08 15.91
CA THR A 49 -14.92 -12.53 14.94
C THR A 49 -16.30 -12.45 15.53
N ALA A 50 -16.44 -12.94 16.74
CA ALA A 50 -17.73 -12.93 17.35
C ALA A 50 -18.25 -11.53 17.56
N ALA A 51 -17.36 -10.63 17.97
CA ALA A 51 -17.79 -9.27 18.22
C ALA A 51 -18.30 -8.64 16.96
N ILE A 52 -17.61 -8.91 15.87
CA ILE A 52 -18.01 -8.33 14.63
C ILE A 52 -19.34 -8.87 14.22
N GLN A 53 -19.54 -10.17 14.36
CA GLN A 53 -20.80 -10.74 13.99
C GLN A 53 -21.94 -10.19 14.84
N LEU A 54 -21.70 -10.00 16.13
CA LEU A 54 -22.75 -9.46 16.96
C LEU A 54 -23.07 -8.07 16.54
N ILE A 55 -22.06 -7.31 16.19
CA ILE A 55 -22.31 -5.98 15.77
C ILE A 55 -23.10 -5.98 14.52
N GLU A 56 -22.74 -6.78 13.52
CA GLU A 56 -23.51 -6.79 12.29
C GLU A 56 -24.96 -7.10 12.59
N ALA A 57 -25.16 -8.06 13.48
CA ALA A 57 -26.49 -8.49 13.83
C ALA A 57 -27.34 -7.36 14.35
N LEU A 58 -26.73 -6.42 15.04
CA LEU A 58 -27.54 -5.33 15.54
C LEU A 58 -27.51 -4.16 14.60
N ALA A 59 -26.40 -4.00 13.93
CA ALA A 59 -26.13 -2.89 13.06
C ALA A 59 -27.08 -2.89 11.91
N LYS A 60 -27.55 -4.05 11.52
CA LYS A 60 -28.48 -4.14 10.43
C LYS A 60 -29.79 -3.38 10.72
N ASN A 61 -30.06 -3.06 11.99
CA ASN A 61 -31.28 -2.36 12.35
C ASN A 61 -31.09 -0.84 12.36
N LEU A 62 -29.89 -0.38 12.07
CA LEU A 62 -29.61 1.03 12.09
C LEU A 62 -29.99 1.69 10.81
N ALA A 63 -31.27 2.00 10.68
CA ALA A 63 -31.75 2.56 9.43
C ALA A 63 -31.03 3.87 9.07
N SER A 64 -30.67 4.67 10.07
CA SER A 64 -30.00 5.94 9.83
C SER A 64 -28.49 5.78 9.66
N GLU A 65 -27.99 6.31 8.56
CA GLU A 65 -26.61 6.17 8.14
C GLU A 65 -25.56 6.65 9.12
N GLU A 66 -25.82 7.70 9.86
CA GLU A 66 -24.76 8.13 10.74
C GLU A 66 -24.43 7.06 11.79
N PHE A 67 -25.41 6.21 12.10
CA PHE A 67 -25.16 5.20 13.09
C PHE A 67 -24.50 4.04 12.41
N MET A 68 -24.87 3.82 11.16
CA MET A 68 -24.28 2.73 10.44
C MET A 68 -22.81 3.00 10.31
N ALA A 69 -22.47 4.27 10.09
CA ALA A 69 -21.09 4.64 9.94
C ALA A 69 -20.34 4.33 11.20
N ARG A 70 -20.97 4.58 12.35
CA ARG A 70 -20.34 4.24 13.60
C ARG A 70 -20.14 2.76 13.73
N ALA A 71 -21.13 1.97 13.29
CA ALA A 71 -20.98 0.53 13.38
C ALA A 71 -19.83 0.05 12.51
N ILE A 72 -19.67 0.64 11.34
CA ILE A 72 -18.59 0.25 10.47
C ILE A 72 -17.29 0.57 11.09
N SER A 73 -17.20 1.75 11.68
CA SER A 73 -15.98 2.10 12.32
C SER A 73 -15.71 1.10 13.42
N ALA A 74 -16.71 0.76 14.23
CA ALA A 74 -16.44 -0.17 15.30
C ALA A 74 -15.89 -1.48 14.77
N ILE A 75 -16.43 -1.96 13.66
CA ILE A 75 -15.93 -3.20 13.13
C ILE A 75 -14.52 -3.03 12.68
N ALA A 76 -14.26 -1.98 11.95
CA ALA A 76 -12.92 -1.79 11.47
C ALA A 76 -11.94 -1.64 12.60
N GLU A 77 -12.31 -0.96 13.67
CA GLU A 77 -11.36 -0.76 14.74
C GLU A 77 -11.07 -2.05 15.42
N LEU A 78 -12.09 -2.88 15.60
CA LEU A 78 -11.85 -4.15 16.24
C LEU A 78 -10.97 -4.99 15.39
N ALA A 79 -11.22 -4.97 14.09
CA ALA A 79 -10.42 -5.78 13.22
C ALA A 79 -8.99 -5.31 13.25
N LYS A 80 -8.77 -4.00 13.26
CA LYS A 80 -7.42 -3.53 13.28
C LYS A 80 -6.71 -3.92 14.54
N LYS A 81 -7.38 -3.83 15.68
CA LYS A 81 -6.71 -4.15 16.90
C LYS A 81 -6.43 -5.63 16.98
N ALA A 82 -7.36 -6.43 16.50
CA ALA A 82 -7.12 -7.85 16.55
C ALA A 82 -5.94 -8.21 15.68
N ILE A 83 -5.86 -7.59 14.52
CA ILE A 83 -4.77 -7.88 13.62
C ILE A 83 -3.47 -7.41 14.17
N GLU A 84 -3.42 -6.20 14.70
CA GLU A 84 -2.18 -5.73 15.23
C GLU A 84 -1.75 -6.54 16.42
N ALA A 85 -2.69 -6.95 17.26
CA ALA A 85 -2.31 -7.74 18.40
C ALA A 85 -1.72 -9.06 17.97
N ILE A 86 -2.32 -9.68 16.98
CA ILE A 86 -1.82 -10.95 16.50
C ILE A 86 -0.49 -10.77 15.88
N TYR A 87 -0.35 -9.74 15.06
CA TYR A 87 0.90 -9.47 14.44
C TYR A 87 1.98 -9.31 15.47
N ARG A 88 1.74 -8.49 16.48
CA ARG A 88 2.82 -8.27 17.42
C ARG A 88 3.23 -9.52 18.09
N LEU A 89 2.27 -10.34 18.48
CA LEU A 89 2.67 -11.52 19.20
C LEU A 89 3.42 -12.45 18.30
N ALA A 90 2.94 -12.60 17.08
CA ALA A 90 3.56 -13.50 16.16
C ALA A 90 4.94 -13.04 15.73
N ASP A 91 5.10 -11.74 15.59
CA ASP A 91 6.34 -11.16 15.12
C ASP A 91 7.38 -11.24 16.24
N ASN A 92 6.94 -11.06 17.48
CA ASN A 92 7.84 -11.14 18.62
C ASN A 92 8.30 -12.57 18.81
N HIS A 93 7.37 -13.50 18.57
CA HIS A 93 7.59 -14.91 18.73
C HIS A 93 8.49 -15.53 17.65
N THR A 94 8.22 -15.26 16.36
CA THR A 94 9.00 -15.88 15.28
C THR A 94 9.27 -17.37 15.57
N THR A 95 10.49 -17.84 15.29
CA THR A 95 10.91 -19.24 15.57
C THR A 95 10.06 -20.30 14.86
N ASP A 96 9.33 -19.86 13.86
CA ASP A 96 8.49 -20.68 13.01
C ASP A 96 7.51 -21.53 13.79
N THR A 97 7.03 -21.02 14.91
CA THR A 97 6.14 -21.82 15.69
C THR A 97 4.79 -21.15 15.81
N PHE A 98 3.75 -21.81 15.31
CA PHE A 98 2.39 -21.26 15.27
C PHE A 98 2.30 -19.99 14.41
N MET A 99 3.24 -19.80 13.50
CA MET A 99 3.24 -18.62 12.68
C MET A 99 2.19 -18.74 11.58
N ALA A 100 1.90 -19.97 11.16
CA ALA A 100 0.90 -20.15 10.13
C ALA A 100 -0.45 -19.75 10.69
N ARG A 101 -0.65 -19.97 12.00
CA ARG A 101 -1.90 -19.62 12.62
C ARG A 101 -2.03 -18.13 12.59
N ALA A 102 -0.95 -17.42 12.88
CA ALA A 102 -1.01 -15.98 12.87
C ALA A 102 -1.38 -15.44 11.51
N ILE A 103 -0.83 -16.04 10.47
CA ILE A 103 -1.16 -15.56 9.14
C ILE A 103 -2.59 -15.82 8.82
N ALA A 104 -3.03 -17.04 9.10
CA ALA A 104 -4.40 -17.37 8.80
C ALA A 104 -5.36 -16.54 9.59
N ALA A 105 -5.04 -16.28 10.85
CA ALA A 105 -5.93 -15.54 11.69
C ALA A 105 -6.10 -14.14 11.17
N ILE A 106 -5.01 -13.53 10.72
CA ILE A 106 -5.15 -12.19 10.21
C ILE A 106 -5.98 -12.19 8.97
N ALA A 107 -5.71 -13.11 8.08
CA ALA A 107 -6.48 -13.15 6.87
C ALA A 107 -7.95 -13.40 7.14
N ASN A 108 -8.24 -14.27 8.09
CA ASN A 108 -9.61 -14.60 8.33
C ASN A 108 -10.36 -13.45 8.93
N LEU A 109 -9.68 -12.70 9.79
CA LEU A 109 -10.30 -11.55 10.37
C LEU A 109 -10.52 -10.50 9.37
N ALA A 110 -9.55 -10.32 8.48
CA ALA A 110 -9.70 -9.31 7.48
C ALA A 110 -10.87 -9.64 6.59
N VAL A 111 -11.05 -10.91 6.26
CA VAL A 111 -12.16 -11.28 5.43
C VAL A 111 -13.46 -11.06 6.13
N THR A 112 -13.52 -11.47 7.38
CA THR A 112 -14.74 -11.33 8.12
C THR A 112 -15.15 -9.89 8.22
N ALA A 113 -14.19 -9.05 8.58
CA ALA A 113 -14.50 -7.66 8.76
C ALA A 113 -14.90 -7.01 7.48
N ILE A 114 -14.23 -7.34 6.40
CA ILE A 114 -14.56 -6.72 5.16
C ILE A 114 -15.91 -7.10 4.69
N LEU A 115 -16.22 -8.37 4.75
CA LEU A 115 -17.51 -8.76 4.28
C LEU A 115 -18.58 -8.20 5.18
N ALA A 116 -18.34 -8.13 6.49
CA ALA A 116 -19.34 -7.57 7.38
C ALA A 116 -19.58 -6.11 7.05
N ILE A 117 -18.52 -5.40 6.73
CA ILE A 117 -18.69 -4.01 6.40
C ILE A 117 -19.44 -3.89 5.14
N ALA A 118 -19.08 -4.67 4.15
CA ALA A 118 -19.77 -4.59 2.91
C ALA A 118 -21.23 -4.92 3.10
N ALA A 119 -21.52 -5.89 3.95
CA ALA A 119 -22.89 -6.26 4.15
C ALA A 119 -23.68 -5.12 4.73
N LEU A 120 -23.13 -4.39 5.69
CA LEU A 120 -23.91 -3.31 6.23
C LEU A 120 -24.00 -2.20 5.23
N ALA A 121 -22.89 -1.94 4.58
CA ALA A 121 -22.79 -0.88 3.63
C ALA A 121 -23.75 -1.10 2.46
N SER A 122 -24.05 -2.33 2.13
CA SER A 122 -24.92 -2.59 1.01
C SER A 122 -26.33 -2.02 1.20
N ASN A 123 -26.70 -1.66 2.44
CA ASN A 123 -28.03 -1.17 2.73
C ASN A 123 -28.23 0.34 2.81
N HIS A 124 -27.25 1.15 2.40
CA HIS A 124 -27.44 2.60 2.51
C HIS A 124 -27.38 3.28 1.14
N THR A 125 -27.57 4.61 1.09
CA THR A 125 -27.53 5.29 -0.21
C THR A 125 -26.55 6.47 -0.40
N THR A 126 -26.10 7.15 0.66
CA THR A 126 -25.22 8.33 0.48
C THR A 126 -23.85 7.98 -0.11
N GLU A 127 -23.41 8.75 -1.10
CA GLU A 127 -22.13 8.49 -1.76
C GLU A 127 -20.93 8.60 -0.87
N GLU A 128 -20.93 9.56 0.04
CA GLU A 128 -19.81 9.73 0.93
C GLU A 128 -19.71 8.56 1.85
N PHE A 129 -20.85 8.05 2.27
CA PHE A 129 -20.85 6.92 3.15
C PHE A 129 -20.23 5.77 2.39
N MET A 130 -20.66 5.56 1.15
CA MET A 130 -20.11 4.46 0.39
C MET A 130 -18.62 4.60 0.29
N ALA A 131 -18.15 5.81 0.07
CA ALA A 131 -16.72 6.02 -0.02
C ALA A 131 -16.05 5.68 1.30
N ARG A 132 -16.69 6.00 2.42
CA ARG A 132 -16.09 5.68 3.70
C ARG A 132 -16.02 4.19 3.88
N ALA A 133 -17.06 3.47 3.47
CA ALA A 133 -17.06 2.03 3.59
C ALA A 133 -15.94 1.45 2.75
N ILE A 134 -15.74 2.01 1.57
CA ILE A 134 -14.70 1.55 0.69
C ILE A 134 -13.36 1.80 1.30
N SER A 135 -13.20 2.98 1.86
CA SER A 135 -11.96 3.31 2.48
C SER A 135 -11.68 2.34 3.61
N ALA A 136 -12.69 2.06 4.44
CA ALA A 136 -12.46 1.14 5.55
C ALA A 136 -12.03 -0.22 5.07
N ILE A 137 -12.63 -0.68 3.99
CA ILE A 137 -12.24 -1.97 3.49
C ILE A 137 -10.83 -1.94 3.02
N ALA A 138 -10.50 -0.92 2.25
CA ALA A 138 -9.16 -0.86 1.76
C ALA A 138 -8.18 -0.75 2.90
N GLU A 139 -8.52 0.01 3.94
CA GLU A 139 -7.62 0.18 5.05
C GLU A 139 -7.31 -1.13 5.68
N LEU A 140 -8.35 -1.91 5.92
CA LEU A 140 -8.15 -3.17 6.57
C LEU A 140 -7.37 -4.09 5.70
N ALA A 141 -7.66 -4.10 4.41
CA ALA A 141 -6.95 -5.01 3.57
C ALA A 141 -5.49 -4.64 3.53
N LYS A 142 -5.18 -3.35 3.44
CA LYS A 142 -3.80 -2.96 3.36
C LYS A 142 -3.04 -3.32 4.61
N LYS A 143 -3.64 -3.11 5.76
CA LYS A 143 -2.93 -3.43 6.97
C LYS A 143 -2.70 -4.89 7.11
N ALA A 144 -3.71 -5.67 6.76
CA ALA A 144 -3.58 -7.09 6.88
C ALA A 144 -2.51 -7.62 5.96
N ILE A 145 -2.44 -7.06 4.76
CA ILE A 145 -1.44 -7.51 3.82
C ILE A 145 -0.07 -7.23 4.31
N GLU A 146 0.16 -6.03 4.79
CA GLU A 146 1.49 -5.73 5.21
C GLU A 146 1.85 -6.50 6.46
N ALA A 147 0.89 -6.72 7.37
CA ALA A 147 1.22 -7.48 8.54
C ALA A 147 1.65 -8.88 8.15
N ILE A 148 0.94 -9.46 7.19
CA ILE A 148 1.27 -10.78 6.74
C ILE A 148 2.60 -10.81 6.06
N TYR A 149 2.85 -9.82 5.20
CA TYR A 149 4.11 -9.74 4.51
C TYR A 149 5.26 -9.74 5.50
N ARG A 150 5.17 -8.86 6.49
CA ARG A 150 6.26 -8.73 7.42
C ARG A 150 6.46 -9.98 8.21
N LEU A 151 5.37 -10.65 8.59
CA LEU A 151 5.60 -11.85 9.35
C LEU A 151 6.36 -12.84 8.52
N ALA A 152 6.01 -13.01 7.25
CA ALA A 152 6.75 -14.00 6.47
C ALA A 152 8.25 -13.66 6.41
N ASP A 153 8.60 -12.37 6.27
CA ASP A 153 10.02 -12.00 6.24
C ASP A 153 10.76 -12.31 7.53
N ASN A 154 10.05 -12.31 8.66
CA ASN A 154 10.72 -12.55 9.92
C ASN A 154 10.66 -14.00 10.33
N HIS A 155 10.25 -14.86 9.40
CA HIS A 155 10.28 -16.28 9.67
C HIS A 155 11.35 -16.87 8.75
N THR A 156 11.35 -16.40 7.50
CA THR A 156 12.28 -16.76 6.41
C THR A 156 11.90 -18.03 5.68
N THR A 157 11.56 -17.87 4.40
CA THR A 157 11.08 -18.93 3.52
C THR A 157 10.04 -19.86 4.13
N ASP A 158 10.44 -21.13 4.26
CA ASP A 158 9.65 -22.22 4.77
C ASP A 158 8.30 -22.26 4.07
N LYS A 159 7.22 -22.40 4.85
CA LYS A 159 5.88 -22.42 4.31
C LYS A 159 5.13 -21.15 4.68
N PHE A 160 5.77 -20.28 5.44
CA PHE A 160 5.08 -19.08 5.89
C PHE A 160 4.93 -18.16 4.73
N MET A 161 5.91 -18.14 3.84
CA MET A 161 5.73 -17.26 2.71
C MET A 161 4.67 -17.85 1.79
N ALA A 162 4.46 -19.17 1.82
CA ALA A 162 3.43 -19.74 0.96
C ALA A 162 2.09 -19.27 1.42
N ALA A 163 1.92 -19.31 2.74
CA ALA A 163 0.68 -18.91 3.34
C ALA A 163 0.45 -17.47 3.08
N ALA A 164 1.51 -16.68 3.15
CA ALA A 164 1.37 -15.27 2.93
C ALA A 164 1.00 -14.98 1.49
N ILE A 165 1.60 -15.68 0.54
CA ILE A 165 1.26 -15.37 -0.84
C ILE A 165 -0.18 -15.67 -1.10
N GLU A 166 -0.66 -16.82 -0.65
CA GLU A 166 -2.04 -17.12 -0.91
C GLU A 166 -2.97 -16.22 -0.14
N ALA A 167 -2.64 -15.94 1.12
CA ALA A 167 -3.51 -15.14 1.93
C ALA A 167 -3.67 -13.75 1.38
N ILE A 168 -2.58 -13.20 0.86
CA ILE A 168 -2.63 -11.87 0.32
C ILE A 168 -3.44 -11.88 -0.93
N ALA A 169 -3.21 -12.83 -1.81
CA ALA A 169 -3.98 -12.82 -3.02
C ALA A 169 -5.46 -12.99 -2.75
N LEU A 170 -5.82 -13.84 -1.80
CA LEU A 170 -7.21 -14.04 -1.52
C LEU A 170 -7.82 -12.84 -0.90
N LEU A 171 -7.11 -12.21 0.00
CA LEU A 171 -7.66 -11.08 0.65
C LEU A 171 -7.82 -9.94 -0.28
N ALA A 172 -6.81 -9.68 -1.08
CA ALA A 172 -6.91 -8.57 -1.98
C ALA A 172 -8.02 -8.79 -2.95
N THR A 173 -8.20 -10.02 -3.42
CA THR A 173 -9.24 -10.24 -4.39
C THR A 173 -10.60 -9.97 -3.79
N LEU A 174 -10.82 -10.47 -2.58
CA LEU A 174 -12.11 -10.27 -1.97
C LEU A 174 -12.35 -8.82 -1.67
N ALA A 175 -11.32 -8.13 -1.21
CA ALA A 175 -11.49 -6.74 -0.90
C ALA A 175 -11.84 -5.98 -2.14
N ILE A 176 -11.23 -6.33 -3.26
CA ILE A 176 -11.51 -5.64 -4.49
C ILE A 176 -12.91 -5.85 -4.93
N LEU A 177 -13.36 -7.07 -4.86
CA LEU A 177 -14.71 -7.31 -5.27
C LEU A 177 -15.68 -6.65 -4.34
N ALA A 178 -15.40 -6.64 -3.03
CA ALA A 178 -16.31 -6.01 -2.11
C ALA A 178 -16.41 -4.54 -2.45
N ILE A 179 -15.29 -3.95 -2.82
CA ILE A 179 -15.30 -2.57 -3.19
C ILE A 179 -16.09 -2.40 -4.43
N ALA A 180 -15.86 -3.25 -5.42
CA ALA A 180 -16.57 -3.13 -6.66
C ALA A 180 -18.06 -3.24 -6.44
N LEU A 181 -18.45 -4.09 -5.53
CA LEU A 181 -19.86 -4.26 -5.30
C LEU A 181 -20.45 -3.01 -4.71
N LEU A 182 -19.81 -2.46 -3.71
CA LEU A 182 -20.39 -1.29 -3.10
C LEU A 182 -20.35 -0.15 -4.05
N ALA A 183 -19.26 -0.07 -4.78
CA ALA A 183 -18.98 0.97 -5.73
C ALA A 183 -19.95 0.97 -6.86
N SER A 184 -20.53 -0.18 -7.17
CA SER A 184 -21.47 -0.25 -8.25
C SER A 184 -22.70 0.60 -7.99
N ASN A 185 -22.91 1.03 -6.75
CA ASN A 185 -24.06 1.85 -6.45
C ASN A 185 -23.75 3.35 -6.52
N HIS A 186 -22.52 3.71 -6.92
CA HIS A 186 -22.18 5.12 -7.02
C HIS A 186 -22.89 5.77 -8.17
N THR A 187 -23.15 7.05 -7.98
CA THR A 187 -23.90 7.86 -8.91
C THR A 187 -23.08 8.80 -9.80
N THR A 188 -21.83 9.09 -9.43
CA THR A 188 -21.04 10.01 -10.24
C THR A 188 -19.67 9.46 -10.52
N GLU A 189 -19.03 10.04 -11.52
CA GLU A 189 -17.68 9.66 -11.89
C GLU A 189 -16.69 9.95 -10.81
N LYS A 190 -16.90 11.03 -10.06
CA LYS A 190 -15.94 11.32 -9.03
C LYS A 190 -15.82 10.14 -8.11
N PHE A 191 -16.95 9.59 -7.70
CA PHE A 191 -16.89 8.49 -6.79
C PHE A 191 -16.49 7.18 -7.44
N MET A 192 -16.95 6.95 -8.66
CA MET A 192 -16.58 5.71 -9.30
C MET A 192 -15.09 5.67 -9.50
N ALA A 193 -14.52 6.80 -9.87
CA ALA A 193 -13.11 6.89 -10.08
C ALA A 193 -12.37 6.64 -8.80
N ARG A 194 -12.90 7.13 -7.68
CA ARG A 194 -12.23 6.88 -6.43
C ARG A 194 -12.24 5.41 -6.12
N ALA A 195 -13.36 4.74 -6.40
CA ALA A 195 -13.40 3.32 -6.14
C ALA A 195 -12.37 2.60 -7.02
N ILE A 196 -12.24 3.05 -8.25
CA ILE A 196 -11.28 2.44 -9.15
C ILE A 196 -9.91 2.60 -8.62
N MET A 197 -9.60 3.79 -8.16
CA MET A 197 -8.29 3.98 -7.63
C MET A 197 -8.10 3.15 -6.39
N ALA A 198 -9.11 3.05 -5.54
CA ALA A 198 -8.91 2.27 -4.34
C ALA A 198 -8.53 0.85 -4.70
N ILE A 199 -9.16 0.34 -5.74
CA ILE A 199 -8.85 -0.98 -6.18
C ILE A 199 -7.46 -1.04 -6.70
N ALA A 200 -7.10 -0.09 -7.53
CA ALA A 200 -5.80 -0.11 -8.11
C ALA A 200 -4.69 -0.04 -7.09
N ILE A 201 -4.87 0.77 -6.06
CA ILE A 201 -3.84 0.89 -5.06
C ILE A 201 -3.72 -0.39 -4.32
N LEU A 202 -4.84 -0.97 -3.94
CA LEU A 202 -4.77 -2.18 -3.20
C LEU A 202 -4.15 -3.26 -4.05
N ALA A 203 -4.50 -3.32 -5.32
CA ALA A 203 -3.94 -4.33 -6.16
C ALA A 203 -2.44 -4.16 -6.24
N ALA A 204 -1.98 -2.92 -6.37
CA ALA A 204 -0.57 -2.71 -6.48
C ALA A 204 0.16 -3.15 -5.24
N LYS A 205 -0.42 -2.87 -4.08
CA LYS A 205 0.22 -3.26 -2.86
C LYS A 205 0.24 -4.74 -2.67
N ALA A 206 -0.85 -5.40 -3.03
CA ALA A 206 -0.88 -6.84 -2.89
C ALA A 206 0.17 -7.45 -3.78
N ILE A 207 0.32 -6.90 -4.97
CA ILE A 207 1.29 -7.40 -5.89
C ILE A 207 2.68 -7.17 -5.38
N GLU A 208 2.97 -5.98 -4.88
CA GLU A 208 4.30 -5.74 -4.38
C GLU A 208 4.63 -6.69 -3.25
N ALA A 209 3.70 -6.91 -2.33
CA ALA A 209 4.02 -7.80 -1.21
C ALA A 209 4.34 -9.19 -1.70
N ILE A 210 3.56 -9.68 -2.66
CA ILE A 210 3.80 -11.00 -3.18
C ILE A 210 5.11 -11.05 -3.90
N TYR A 211 5.36 -10.05 -4.70
CA TYR A 211 6.60 -9.95 -5.41
C TYR A 211 7.76 -10.00 -4.48
N ARG A 212 7.73 -9.18 -3.44
CA ARG A 212 8.84 -9.11 -2.55
C ARG A 212 9.08 -10.42 -1.85
N LEU A 213 8.03 -11.14 -1.47
CA LEU A 213 8.30 -12.38 -0.78
C LEU A 213 8.99 -13.39 -1.69
N ALA A 214 8.55 -13.51 -2.92
CA ALA A 214 9.24 -14.49 -3.75
C ALA A 214 10.65 -13.99 -4.12
N ASP A 215 10.77 -12.68 -4.33
CA ASP A 215 12.00 -12.08 -4.79
C ASP A 215 13.09 -12.10 -3.75
N ASN A 216 12.77 -11.83 -2.50
CA ASN A 216 13.82 -11.73 -1.51
C ASN A 216 14.26 -13.08 -0.98
N HIS A 217 13.67 -14.15 -1.51
CA HIS A 217 14.08 -15.48 -1.11
C HIS A 217 14.64 -16.21 -2.32
N THR A 218 14.60 -15.53 -3.48
CA THR A 218 14.95 -16.09 -4.78
C THR A 218 14.62 -17.56 -4.81
N SER A 219 13.34 -17.88 -4.58
CA SER A 219 12.95 -19.28 -4.43
C SER A 219 11.99 -19.72 -5.53
N PRO A 220 12.40 -20.58 -6.51
CA PRO A 220 11.64 -21.02 -7.68
C PRO A 220 10.24 -21.51 -7.35
N THR A 221 10.06 -22.16 -6.20
CA THR A 221 8.75 -22.63 -5.81
C THR A 221 7.81 -21.46 -5.71
N TYR A 222 8.31 -20.40 -5.10
CA TYR A 222 7.50 -19.27 -4.84
C TYR A 222 7.51 -18.33 -5.98
N ILE A 223 8.53 -18.38 -6.80
CA ILE A 223 8.52 -17.57 -7.98
C ILE A 223 7.34 -18.01 -8.80
N GLU A 224 7.15 -19.31 -8.96
CA GLU A 224 6.02 -19.76 -9.74
C GLU A 224 4.68 -19.40 -9.09
N LYS A 225 4.57 -19.60 -7.78
CA LYS A 225 3.29 -19.32 -7.14
C LYS A 225 2.99 -17.83 -7.13
N ALA A 226 4.02 -17.04 -6.87
CA ALA A 226 3.88 -15.60 -6.82
C ALA A 226 3.48 -15.07 -8.15
N ILE A 227 4.04 -15.61 -9.22
CA ILE A 227 3.65 -15.14 -10.51
C ILE A 227 2.22 -15.41 -10.77
N GLU A 228 1.78 -16.62 -10.45
CA GLU A 228 0.38 -16.92 -10.69
C GLU A 228 -0.51 -16.01 -9.87
N ALA A 229 -0.13 -15.76 -8.62
CA ALA A 229 -0.92 -14.90 -7.77
C ALA A 229 -0.97 -13.49 -8.32
N ILE A 230 0.15 -13.01 -8.82
CA ILE A 230 0.20 -11.67 -9.35
C ILE A 230 -0.67 -11.55 -10.56
N GLU A 231 -0.59 -12.52 -11.45
CA GLU A 231 -1.41 -12.45 -12.63
C GLU A 231 -2.87 -12.47 -12.25
N LYS A 232 -3.22 -13.32 -11.29
CA LYS A 232 -4.58 -13.45 -10.85
C LYS A 232 -5.10 -12.15 -10.30
N ILE A 233 -4.30 -11.49 -9.48
CA ILE A 233 -4.73 -10.25 -8.88
C ILE A 233 -4.91 -9.23 -9.94
N ALA A 234 -3.94 -9.10 -10.84
CA ALA A 234 -4.07 -8.10 -11.84
C ALA A 234 -5.28 -8.33 -12.71
N ARG A 235 -5.55 -9.57 -13.08
CA ARG A 235 -6.68 -9.78 -13.93
C ARG A 235 -7.96 -9.42 -13.26
N LYS A 236 -8.10 -9.79 -12.00
CA LYS A 236 -9.33 -9.52 -11.33
C LYS A 236 -9.47 -8.04 -11.04
N ALA A 237 -8.37 -7.39 -10.68
CA ALA A 237 -8.42 -5.98 -10.39
C ALA A 237 -8.85 -5.24 -11.61
N ILE A 238 -8.33 -5.64 -12.74
CA ILE A 238 -8.68 -4.97 -13.94
C ILE A 238 -10.11 -5.22 -14.28
N LYS A 239 -10.57 -6.46 -14.20
CA LYS A 239 -11.95 -6.68 -14.54
C LYS A 239 -12.88 -5.89 -13.64
N ALA A 240 -12.55 -5.78 -12.34
CA ALA A 240 -13.39 -5.02 -11.44
C ALA A 240 -13.41 -3.57 -11.89
N ILE A 241 -12.25 -3.07 -12.30
CA ILE A 241 -12.17 -1.72 -12.74
C ILE A 241 -12.97 -1.51 -13.97
N GLU A 242 -12.88 -2.43 -14.91
CA GLU A 242 -13.63 -2.29 -16.12
C GLU A 242 -15.12 -2.30 -15.83
N MET A 243 -15.58 -3.15 -14.92
CA MET A 243 -17.01 -3.15 -14.64
C MET A 243 -17.45 -1.77 -14.22
N LEU A 244 -16.67 -1.16 -13.33
CA LEU A 244 -17.03 0.14 -12.84
C LEU A 244 -16.80 1.20 -13.90
N ALA A 245 -15.75 1.05 -14.68
CA ALA A 245 -15.38 2.01 -15.69
C ALA A 245 -16.46 2.14 -16.74
N LYS A 246 -17.13 1.05 -17.01
CA LYS A 246 -18.19 1.03 -17.98
C LYS A 246 -19.35 1.93 -17.61
N ASN A 247 -19.47 2.30 -16.33
CA ASN A 247 -20.57 3.14 -15.93
C ASN A 247 -20.18 4.61 -15.90
N ILE A 248 -18.94 4.91 -16.27
CA ILE A 248 -18.42 6.26 -16.34
C ILE A 248 -18.76 6.83 -17.69
N THR A 249 -19.32 8.03 -17.76
CA THR A 249 -19.68 8.54 -19.08
C THR A 249 -18.85 9.75 -19.47
N THR A 250 -17.92 10.13 -18.60
CA THR A 250 -17.10 11.31 -18.80
C THR A 250 -15.68 10.92 -19.14
N GLU A 251 -15.18 11.45 -20.25
CA GLU A 251 -13.87 11.13 -20.80
C GLU A 251 -12.70 11.36 -19.88
N GLU A 252 -12.75 12.37 -19.07
CA GLU A 252 -11.62 12.57 -18.19
C GLU A 252 -11.43 11.37 -17.27
N TYR A 253 -12.53 10.78 -16.86
CA TYR A 253 -12.47 9.69 -15.94
C TYR A 253 -12.28 8.40 -16.68
N LYS A 254 -12.83 8.30 -17.89
CA LYS A 254 -12.65 7.09 -18.66
C LYS A 254 -11.18 6.93 -18.98
N GLU A 255 -10.53 8.04 -19.32
CA GLU A 255 -9.14 7.97 -19.66
C GLU A 255 -8.33 7.66 -18.43
N LYS A 256 -8.71 8.22 -17.29
CA LYS A 256 -7.99 7.94 -16.08
C LYS A 256 -8.08 6.46 -15.78
N ALA A 257 -9.26 5.88 -15.92
CA ALA A 257 -9.40 4.48 -15.62
C ALA A 257 -8.53 3.65 -16.53
N LYS A 258 -8.46 4.01 -17.80
CA LYS A 258 -7.64 3.24 -18.70
C LYS A 258 -6.19 3.34 -18.31
N LYS A 259 -5.74 4.53 -17.90
CA LYS A 259 -4.36 4.65 -17.51
C LYS A 259 -4.10 3.77 -16.33
N ILE A 260 -5.04 3.72 -15.41
CA ILE A 260 -4.89 2.90 -14.23
C ILE A 260 -4.78 1.46 -14.59
N ILE A 261 -5.62 1.01 -15.51
CA ILE A 261 -5.55 -0.37 -15.92
C ILE A 261 -4.22 -0.70 -16.53
N ASP A 262 -3.73 0.16 -17.41
CA ASP A 262 -2.46 -0.11 -18.03
C ASP A 262 -1.36 -0.12 -17.01
N ILE A 263 -1.45 0.74 -16.01
CA ILE A 263 -0.47 0.79 -14.95
C ILE A 263 -0.48 -0.49 -14.18
N ILE A 264 -1.64 -1.01 -13.84
CA ILE A 264 -1.67 -2.24 -13.10
C ILE A 264 -1.04 -3.33 -13.91
N ARG A 265 -1.42 -3.42 -15.18
CA ARG A 265 -0.90 -4.48 -15.98
C ARG A 265 0.62 -4.39 -16.09
N LYS A 266 1.14 -3.19 -16.30
CA LYS A 266 2.58 -3.04 -16.42
C LYS A 266 3.29 -3.37 -15.14
N LEU A 267 2.71 -2.97 -14.01
CA LEU A 267 3.34 -3.23 -12.76
C LEU A 267 3.40 -4.72 -12.56
N ALA A 268 2.28 -5.38 -12.83
CA ALA A 268 2.24 -6.80 -12.66
C ALA A 268 3.23 -7.48 -13.56
N LYS A 269 3.37 -6.99 -14.79
CA LYS A 269 4.29 -7.63 -15.69
C LYS A 269 5.71 -7.48 -15.24
N MET A 270 6.08 -6.31 -14.76
CA MET A 270 7.44 -6.13 -14.30
C MET A 270 7.75 -6.98 -13.12
N ALA A 271 6.80 -7.10 -12.19
CA ALA A 271 7.04 -7.92 -11.02
C ALA A 271 7.29 -9.34 -11.46
N ILE A 272 6.51 -9.78 -12.43
CA ILE A 272 6.64 -11.11 -12.92
C ILE A 272 7.96 -11.31 -13.60
N LYS A 273 8.35 -10.37 -14.44
CA LYS A 273 9.59 -10.52 -15.16
C LYS A 273 10.76 -10.62 -14.21
N LYS A 274 10.77 -9.79 -13.17
CA LYS A 274 11.89 -9.85 -12.26
C LYS A 274 11.94 -11.19 -11.56
N LEU A 275 10.78 -11.71 -11.17
CA LEU A 275 10.77 -12.99 -10.50
C LEU A 275 11.21 -14.11 -11.43
N GLU A 276 10.83 -14.03 -12.71
CA GLU A 276 11.26 -15.06 -13.64
C GLU A 276 12.76 -15.05 -13.82
N ASP A 277 13.36 -13.84 -13.86
CA ASP A 277 14.79 -13.73 -14.04
C ASP A 277 15.58 -14.28 -12.87
N ASN A 278 15.10 -14.08 -11.66
CA ASN A 278 15.79 -14.61 -10.51
C ASN A 278 16.14 -16.08 -10.72
N GLY B 670 38.93 22.11 -16.76
CA GLY B 670 40.18 22.46 -16.07
C GLY B 670 40.41 21.55 -14.88
N GLU B 671 41.64 21.50 -14.42
CA GLU B 671 42.02 20.65 -13.30
C GLU B 671 41.24 21.00 -12.06
N GLU B 672 40.96 22.28 -11.88
CA GLU B 672 40.18 22.69 -10.75
C GLU B 672 38.81 22.05 -10.78
N ALA B 673 38.20 21.96 -11.97
CA ALA B 673 36.87 21.40 -12.08
C ALA B 673 36.94 19.92 -11.82
N GLU B 674 38.01 19.29 -12.29
CA GLU B 674 38.09 17.86 -12.09
C GLU B 674 38.28 17.55 -10.63
N LEU B 675 39.08 18.34 -9.93
CA LEU B 675 39.21 18.05 -8.53
C LEU B 675 37.93 18.35 -7.81
N ALA B 676 37.24 19.42 -8.20
CA ALA B 676 36.01 19.69 -7.51
C ALA B 676 35.02 18.60 -7.73
N TYR B 677 34.97 18.09 -8.95
CA TYR B 677 34.06 17.05 -9.23
C TYR B 677 34.38 15.84 -8.42
N LEU B 678 35.64 15.44 -8.40
CA LEU B 678 35.98 14.25 -7.68
C LEU B 678 35.73 14.36 -6.22
N LEU B 679 35.99 15.52 -5.64
CA LEU B 679 35.74 15.59 -4.23
C LEU B 679 34.27 15.47 -3.96
N GLY B 680 33.47 16.13 -4.79
CA GLY B 680 32.04 16.08 -4.63
C GLY B 680 31.57 14.65 -4.72
N GLU B 681 32.00 13.95 -5.76
CA GLU B 681 31.58 12.58 -5.94
C GLU B 681 31.99 11.71 -4.79
N LEU B 682 33.21 11.88 -4.26
CA LEU B 682 33.60 11.01 -3.19
C LEU B 682 32.78 11.27 -1.95
N ALA B 683 32.58 12.54 -1.61
CA ALA B 683 31.82 12.85 -0.42
C ALA B 683 30.41 12.35 -0.55
N TYR B 684 29.87 12.47 -1.76
CA TYR B 684 28.54 12.05 -2.05
C TYR B 684 28.40 10.58 -1.79
N LYS B 685 29.31 9.78 -2.35
CA LYS B 685 29.23 8.35 -2.18
C LYS B 685 29.30 7.97 -0.72
N LEU B 686 30.11 8.68 0.04
CA LEU B 686 30.31 8.36 1.42
C LEU B 686 29.22 8.90 2.35
N GLY B 687 28.23 9.59 1.80
CA GLY B 687 27.10 10.11 2.58
C GLY B 687 27.26 11.51 3.16
N GLU B 688 28.38 12.14 2.90
CA GLU B 688 28.58 13.45 3.45
C GLU B 688 28.11 14.41 2.40
N TYR B 689 26.79 14.50 2.34
CA TYR B 689 26.13 15.22 1.28
C TYR B 689 26.39 16.69 1.41
N ARG B 690 26.50 17.18 2.63
CA ARG B 690 26.75 18.59 2.80
C ARG B 690 28.07 18.98 2.14
N ILE B 691 29.05 18.10 2.28
CA ILE B 691 30.36 18.36 1.73
C ILE B 691 30.23 18.31 0.24
N ALA B 692 29.52 17.31 -0.23
CA ALA B 692 29.36 17.14 -1.65
C ALA B 692 28.72 18.36 -2.27
N ILE B 693 27.76 18.95 -1.58
CA ILE B 693 27.11 20.13 -2.10
C ILE B 693 28.08 21.24 -2.25
N ARG B 694 28.87 21.47 -1.24
CA ARG B 694 29.81 22.55 -1.32
C ARG B 694 30.78 22.33 -2.49
N ALA B 695 31.27 21.09 -2.64
CA ALA B 695 32.19 20.79 -3.72
C ALA B 695 31.55 20.91 -5.09
N TYR B 696 30.29 20.51 -5.21
CA TYR B 696 29.67 20.58 -6.51
C TYR B 696 29.38 22.00 -6.88
N ARG B 697 29.07 22.85 -5.92
CA ARG B 697 28.85 24.23 -6.29
C ARG B 697 30.10 24.76 -6.94
N ILE B 698 31.26 24.35 -6.43
CA ILE B 698 32.51 24.78 -7.01
C ILE B 698 32.69 24.19 -8.38
N ALA B 699 32.42 22.90 -8.52
CA ALA B 699 32.61 22.26 -9.80
C ALA B 699 31.79 22.92 -10.87
N LEU B 700 30.56 23.29 -10.54
CA LEU B 700 29.69 23.92 -11.49
C LEU B 700 30.02 25.36 -11.70
N LYS B 701 30.49 26.06 -10.69
CA LYS B 701 30.86 27.42 -10.92
C LYS B 701 31.95 27.44 -11.97
N ARG B 702 32.92 26.54 -11.82
CA ARG B 702 34.00 26.46 -12.77
C ARG B 702 33.54 25.87 -14.10
N ASP B 703 32.65 24.88 -14.09
CA ASP B 703 32.15 24.29 -15.32
C ASP B 703 30.65 23.97 -15.23
N PRO B 704 29.79 24.92 -15.61
CA PRO B 704 28.35 24.88 -15.59
C PRO B 704 27.72 23.82 -16.45
N ASN B 705 28.49 23.19 -17.34
CA ASN B 705 27.87 22.21 -18.22
C ASN B 705 27.98 20.79 -17.70
N ASN B 706 28.50 20.60 -16.50
CA ASN B 706 28.59 19.22 -16.09
C ASN B 706 27.27 18.76 -15.51
N ALA B 707 26.50 18.10 -16.35
CA ALA B 707 25.18 17.60 -15.98
C ALA B 707 25.28 16.67 -14.80
N GLU B 708 26.39 15.94 -14.69
CA GLU B 708 26.51 14.98 -13.62
C GLU B 708 26.57 15.69 -12.30
N ALA B 709 27.21 16.86 -12.26
CA ALA B 709 27.32 17.57 -11.02
C ALA B 709 25.98 18.20 -10.73
N TRP B 710 25.27 18.65 -11.74
CA TRP B 710 23.96 19.23 -11.46
C TRP B 710 23.08 18.17 -10.85
N TYR B 711 23.16 16.97 -11.40
CA TYR B 711 22.38 15.86 -10.94
C TYR B 711 22.76 15.41 -9.55
N ASN B 712 24.05 15.22 -9.30
CA ASN B 712 24.45 14.78 -7.99
C ASN B 712 24.21 15.86 -6.98
N LEU B 713 24.27 17.11 -7.39
CA LEU B 713 24.00 18.18 -6.49
C LEU B 713 22.55 18.09 -6.10
N GLY B 714 21.67 17.89 -7.08
CA GLY B 714 20.27 17.79 -6.75
C GLY B 714 20.03 16.62 -5.81
N ASN B 715 20.75 15.51 -6.01
CA ASN B 715 20.55 14.39 -5.13
C ASN B 715 21.06 14.69 -3.75
N ALA B 716 22.20 15.38 -3.66
CA ALA B 716 22.74 15.68 -2.37
C ALA B 716 21.75 16.52 -1.58
N TYR B 717 21.04 17.42 -2.26
CA TYR B 717 20.04 18.20 -1.55
C TYR B 717 18.80 17.38 -1.23
N TYR B 718 18.42 16.51 -2.15
CA TYR B 718 17.25 15.66 -1.96
C TYR B 718 17.40 14.88 -0.66
N LYS B 719 18.59 14.34 -0.47
CA LYS B 719 18.96 13.53 0.67
C LYS B 719 18.85 14.27 2.00
N GLN B 720 18.88 15.59 1.95
CA GLN B 720 18.81 16.42 3.15
C GLN B 720 17.40 16.97 3.37
N GLY B 721 16.47 16.64 2.48
CA GLY B 721 15.12 17.17 2.57
C GLY B 721 14.99 18.53 1.89
N ASP B 722 16.04 18.95 1.21
CA ASP B 722 16.05 20.24 0.56
C ASP B 722 15.46 20.07 -0.82
N TYR B 723 14.15 19.93 -0.83
CA TYR B 723 13.45 19.59 -2.05
C TYR B 723 13.39 20.71 -3.05
N ASP B 724 13.45 21.95 -2.63
CA ASP B 724 13.30 22.98 -3.65
C ASP B 724 14.58 23.08 -4.41
N GLU B 725 15.66 22.90 -3.70
CA GLU B 725 16.96 22.93 -4.28
C GLU B 725 17.11 21.71 -5.16
N ALA B 726 16.66 20.55 -4.68
CA ALA B 726 16.79 19.38 -5.49
C ALA B 726 16.04 19.57 -6.79
N ILE B 727 14.88 20.21 -6.76
CA ILE B 727 14.15 20.45 -7.99
C ILE B 727 14.91 21.35 -8.92
N GLU B 728 15.44 22.45 -8.42
CA GLU B 728 16.17 23.33 -9.31
C GLU B 728 17.33 22.66 -9.98
N TYR B 729 18.07 21.87 -9.22
CA TYR B 729 19.25 21.28 -9.78
C TYR B 729 18.92 20.12 -10.69
N TYR B 730 17.85 19.40 -10.40
CA TYR B 730 17.46 18.33 -11.28
C TYR B 730 17.02 18.91 -12.59
N GLN B 731 16.33 20.04 -12.55
CA GLN B 731 15.89 20.63 -13.78
C GLN B 731 17.07 21.03 -14.64
N LYS B 732 18.12 21.56 -14.01
CA LYS B 732 19.27 21.94 -14.79
C LYS B 732 19.94 20.72 -15.40
N ALA B 733 20.03 19.65 -14.62
CA ALA B 733 20.69 18.45 -15.11
C ALA B 733 19.97 17.90 -16.31
N LEU B 734 18.64 17.94 -16.26
CA LEU B 734 17.79 17.47 -17.32
C LEU B 734 17.82 18.36 -18.53
N GLU B 735 17.97 19.66 -18.36
CA GLU B 735 18.05 20.49 -19.55
C GLU B 735 19.31 20.10 -20.31
N LEU B 736 20.40 19.84 -19.57
CA LEU B 736 21.63 19.39 -20.19
C LEU B 736 21.52 17.97 -20.70
N ASP B 737 20.78 17.11 -19.98
CA ASP B 737 20.60 15.74 -20.39
C ASP B 737 19.19 15.23 -20.12
N PRO B 738 18.26 15.40 -21.07
CA PRO B 738 16.87 15.03 -21.02
C PRO B 738 16.65 13.53 -20.92
N ASN B 739 17.70 12.72 -21.13
CA ASN B 739 17.51 11.29 -21.09
C ASN B 739 17.87 10.71 -19.73
N ASN B 740 18.13 11.55 -18.77
CA ASN B 740 18.48 11.02 -17.48
C ASN B 740 17.21 10.61 -16.74
N ALA B 741 16.84 9.34 -16.94
CA ALA B 741 15.61 8.80 -16.37
C ALA B 741 15.62 8.88 -14.87
N GLU B 742 16.78 8.67 -14.27
CA GLU B 742 16.86 8.72 -12.84
C GLU B 742 16.60 10.11 -12.35
N ALA B 743 17.12 11.11 -13.06
CA ALA B 743 16.85 12.47 -12.66
C ALA B 743 15.37 12.78 -12.82
N TRP B 744 14.73 12.28 -13.88
CA TRP B 744 13.31 12.56 -14.01
C TRP B 744 12.56 11.95 -12.86
N TYR B 745 12.94 10.74 -12.48
CA TYR B 745 12.35 10.06 -11.38
C TYR B 745 12.51 10.83 -10.10
N ASN B 746 13.73 11.26 -9.80
CA ASN B 746 13.98 11.97 -8.58
C ASN B 746 13.29 13.32 -8.60
N LEU B 747 13.12 13.90 -9.77
CA LEU B 747 12.45 15.17 -9.87
C LEU B 747 11.03 14.93 -9.46
N GLY B 748 10.44 13.87 -9.98
CA GLY B 748 9.07 13.54 -9.64
C GLY B 748 8.95 13.29 -8.15
N ASN B 749 9.96 12.65 -7.56
CA ASN B 749 9.89 12.39 -6.15
C ASN B 749 9.92 13.67 -5.36
N ALA B 750 10.74 14.62 -5.76
CA ALA B 750 10.77 15.86 -5.01
C ALA B 750 9.43 16.57 -5.10
N TYR B 751 8.79 16.55 -6.27
CA TYR B 751 7.51 17.21 -6.36
C TYR B 751 6.49 16.53 -5.51
N TYR B 752 6.55 15.20 -5.50
CA TYR B 752 5.67 14.36 -4.73
C TYR B 752 5.79 14.71 -3.26
N LYS B 753 7.02 14.81 -2.78
CA LYS B 753 7.28 15.10 -1.37
C LYS B 753 6.71 16.45 -0.98
N GLN B 754 6.68 17.38 -1.91
CA GLN B 754 6.14 18.69 -1.62
C GLN B 754 4.62 18.77 -1.79
N GLY B 755 3.98 17.69 -2.20
CA GLY B 755 2.54 17.66 -2.40
C GLY B 755 2.10 18.06 -3.79
N ASP B 756 3.04 18.30 -4.70
CA ASP B 756 2.63 18.68 -6.01
C ASP B 756 2.52 17.44 -6.83
N TYR B 757 1.35 16.83 -6.79
CA TYR B 757 1.25 15.55 -7.41
C TYR B 757 1.15 15.72 -8.91
N ASP B 758 0.47 16.76 -9.40
CA ASP B 758 0.42 16.91 -10.86
C ASP B 758 1.80 16.89 -11.46
N GLU B 759 2.74 17.60 -10.83
CA GLU B 759 4.07 17.59 -11.39
C GLU B 759 4.73 16.24 -11.19
N ALA B 760 4.54 15.62 -10.03
CA ALA B 760 5.17 14.32 -9.80
C ALA B 760 4.71 13.31 -10.83
N ILE B 761 3.45 13.39 -11.19
CA ILE B 761 2.84 12.49 -12.13
C ILE B 761 3.48 12.64 -13.49
N GLU B 762 3.64 13.87 -13.93
CA GLU B 762 4.24 14.07 -15.23
C GLU B 762 5.67 13.57 -15.27
N TYR B 763 6.40 13.80 -14.20
CA TYR B 763 7.78 13.39 -14.24
C TYR B 763 7.92 11.89 -14.07
N TYR B 764 7.02 11.25 -13.33
CA TYR B 764 7.14 9.81 -13.23
C TYR B 764 6.87 9.23 -14.59
N GLU B 765 5.90 9.79 -15.32
CA GLU B 765 5.61 9.26 -16.63
C GLU B 765 6.80 9.41 -17.54
N LYS B 766 7.49 10.54 -17.46
CA LYS B 766 8.63 10.72 -18.33
C LYS B 766 9.74 9.76 -17.98
N ALA B 767 9.96 9.54 -16.69
CA ALA B 767 11.03 8.62 -16.30
C ALA B 767 10.75 7.24 -16.85
N LEU B 768 9.47 6.85 -16.83
CA LEU B 768 9.00 5.57 -17.32
C LEU B 768 9.10 5.47 -18.83
N GLU B 769 8.87 6.55 -19.55
CA GLU B 769 9.01 6.45 -21.00
C GLU B 769 10.46 6.11 -21.32
N LEU B 770 11.38 6.75 -20.60
CA LEU B 770 12.80 6.50 -20.77
C LEU B 770 13.19 5.14 -20.21
N ASP B 771 12.57 4.75 -19.12
CA ASP B 771 12.86 3.48 -18.50
C ASP B 771 11.58 2.82 -17.99
N PRO B 772 10.92 2.03 -18.82
CA PRO B 772 9.69 1.31 -18.56
C PRO B 772 9.84 0.28 -17.46
N GLU B 773 11.07 -0.05 -17.07
CA GLU B 773 11.33 -1.05 -16.06
C GLU B 773 11.39 -0.46 -14.67
N ASN B 774 11.18 0.85 -14.56
CA ASN B 774 11.27 1.44 -13.25
C ASN B 774 9.94 1.25 -12.51
N LEU B 775 9.85 0.13 -11.81
CA LEU B 775 8.63 -0.24 -11.12
C LEU B 775 8.29 0.76 -10.08
N GLU B 776 9.28 1.25 -9.37
CA GLU B 776 9.00 2.17 -8.31
C GLU B 776 8.41 3.45 -8.87
N ALA B 777 8.91 3.93 -10.01
CA ALA B 777 8.33 5.13 -10.60
C ALA B 777 6.89 4.85 -10.96
N LEU B 778 6.60 3.65 -11.43
CA LEU B 778 5.24 3.32 -11.84
C LEU B 778 4.33 3.26 -10.64
N GLN B 779 4.82 2.66 -9.57
CA GLN B 779 4.04 2.55 -8.38
C GLN B 779 3.79 3.92 -7.80
N ASN B 780 4.82 4.76 -7.85
CA ASN B 780 4.72 6.09 -7.32
C ASN B 780 3.82 6.92 -8.20
N LEU B 781 3.78 6.62 -9.50
CA LEU B 781 2.90 7.32 -10.40
C LEU B 781 1.48 7.11 -9.97
N LEU B 782 1.14 5.85 -9.70
CA LEU B 782 -0.21 5.55 -9.32
C LEU B 782 -0.53 6.17 -7.97
N ASN B 783 0.44 6.16 -7.06
CA ASN B 783 0.18 6.71 -5.76
C ASN B 783 -0.03 8.22 -5.87
N ALA B 784 0.76 8.86 -6.73
CA ALA B 784 0.62 10.29 -6.93
C ALA B 784 -0.71 10.59 -7.54
N MET B 785 -1.17 9.72 -8.44
CA MET B 785 -2.43 9.93 -9.08
C MET B 785 -3.52 9.89 -8.04
N ASP B 786 -3.41 8.97 -7.10
CA ASP B 786 -4.39 8.85 -6.03
C ASP B 786 -4.36 10.07 -5.12
N LYS B 787 -3.18 10.55 -4.82
CA LYS B 787 -3.11 11.69 -3.94
C LYS B 787 -3.61 12.95 -4.62
N GLN B 788 -3.34 13.10 -5.91
CA GLN B 788 -3.83 14.26 -6.62
C GLN B 788 -5.33 14.17 -6.73
N GLY B 789 -5.81 12.95 -6.90
CA GLY B 789 -7.21 12.67 -7.04
C GLY B 789 -7.62 12.84 -8.49
#